data_2YNQ
#
_entry.id   2YNQ
#
_cell.length_a   132.890
_cell.length_b   110.620
_cell.length_c   97.410
_cell.angle_alpha   90.00
_cell.angle_beta   103.34
_cell.angle_gamma   90.00
#
_symmetry.space_group_name_H-M   'C 1 2 1'
#
loop_
_entity.id
_entity.type
_entity.pdbx_description
1 polymer ESSB
2 non-polymer 'MALONATE ION'
3 non-polymer 'SODIUM ION'
4 non-polymer 'CHLORIDE ION'
5 non-polymer GLYCEROL
6 water water
#
_entity_poly.entity_id   1
_entity_poly.type   'polypeptide(L)'
_entity_poly.pdbx_seq_one_letter_code
;GASTAQPKQEAYIQSTELFLQNKYSDVITTLEDYAPEDMPYVIQYELASSYVMTESLTEEQRQTVSNNITLKTDEQYMLY
WIYIGRSQSEEALELARTIEDRDLIVYALLKYREQIKGDTDLSGDEKQKKLDEIDQEIKEYERERKESEAQLEEEQQSEQ
Q
;
_entity_poly.pdbx_strand_id   A,B,C,D
#
# COMPACT_ATOMS: atom_id res chain seq x y z
N GLN A 6 12.34 -29.22 -35.21
CA GLN A 6 11.50 -29.42 -36.43
C GLN A 6 9.97 -29.29 -36.18
N PRO A 7 9.43 -29.92 -35.11
CA PRO A 7 8.16 -29.37 -34.61
C PRO A 7 8.44 -27.97 -34.07
N LYS A 8 9.70 -27.72 -33.72
CA LYS A 8 10.19 -26.42 -33.32
C LYS A 8 9.99 -25.41 -34.45
N GLN A 9 10.39 -25.79 -35.66
CA GLN A 9 10.21 -24.93 -36.82
C GLN A 9 8.73 -24.66 -37.10
N GLU A 10 7.89 -25.68 -36.98
CA GLU A 10 6.46 -25.46 -37.15
C GLU A 10 5.85 -24.59 -36.04
N ALA A 11 6.39 -24.69 -34.83
CA ALA A 11 5.92 -23.84 -33.75
C ALA A 11 6.22 -22.36 -34.05
N TYR A 12 7.43 -22.10 -34.56
CA TYR A 12 7.81 -20.75 -34.97
C TYR A 12 6.87 -20.18 -36.04
N ILE A 13 6.44 -21.03 -36.97
CA ILE A 13 5.51 -20.65 -38.04
C ILE A 13 4.11 -20.41 -37.49
N GLN A 14 3.66 -21.29 -36.61
N GLN A 14 3.67 -21.31 -36.62
CA GLN A 14 2.34 -21.09 -36.01
CA GLN A 14 2.38 -21.15 -35.95
C GLN A 14 2.34 -19.90 -35.06
C GLN A 14 2.37 -19.90 -35.09
N SER A 15 3.42 -19.73 -34.29
CA SER A 15 3.51 -18.55 -33.42
C SER A 15 3.46 -17.25 -34.24
N THR A 16 4.05 -17.28 -35.44
CA THR A 16 4.01 -16.16 -36.36
C THR A 16 2.59 -15.93 -36.87
N GLU A 17 1.93 -16.99 -37.29
CA GLU A 17 0.55 -16.87 -37.71
C GLU A 17 -0.32 -16.24 -36.61
N LEU A 18 -0.12 -16.67 -35.37
CA LEU A 18 -0.90 -16.14 -34.25
C LEU A 18 -0.53 -14.70 -33.93
N PHE A 19 0.77 -14.40 -33.93
CA PHE A 19 1.23 -13.06 -33.61
C PHE A 19 0.67 -12.01 -34.54
N LEU A 20 0.59 -12.36 -35.82
CA LEU A 20 0.14 -11.42 -36.84
C LEU A 20 -1.36 -11.16 -36.75
N GLN A 21 -2.07 -11.96 -35.95
CA GLN A 21 -3.50 -11.72 -35.65
C GLN A 21 -3.70 -11.10 -34.27
N ASN A 22 -2.59 -10.79 -33.60
CA ASN A 22 -2.62 -10.25 -32.22
C ASN A 22 -3.14 -11.24 -31.18
N LYS A 23 -3.01 -12.52 -31.48
CA LYS A 23 -3.39 -13.55 -30.52
C LYS A 23 -2.23 -13.83 -29.58
N TYR A 24 -1.88 -12.81 -28.81
CA TYR A 24 -0.73 -12.85 -27.91
C TYR A 24 -0.69 -14.03 -26.96
N SER A 25 -1.81 -14.38 -26.35
CA SER A 25 -1.77 -15.49 -25.38
C SER A 25 -1.60 -16.84 -26.08
N ASP A 26 -2.14 -16.96 -27.30
CA ASP A 26 -1.91 -18.15 -28.09
C ASP A 26 -0.44 -18.26 -28.51
N VAL A 27 0.20 -17.13 -28.83
CA VAL A 27 1.65 -17.14 -29.11
C VAL A 27 2.38 -17.78 -27.94
N ILE A 28 2.04 -17.31 -26.74
CA ILE A 28 2.71 -17.69 -25.51
C ILE A 28 2.62 -19.19 -25.28
N THR A 29 1.40 -19.75 -25.34
CA THR A 29 1.24 -21.18 -25.17
C THR A 29 1.91 -22.01 -26.28
N THR A 30 1.90 -21.53 -27.53
CA THR A 30 2.57 -22.25 -28.62
C THR A 30 4.05 -22.44 -28.32
N LEU A 31 4.66 -21.44 -27.70
CA LEU A 31 6.10 -21.47 -27.46
C LEU A 31 6.51 -21.95 -26.08
N GLU A 32 5.55 -22.22 -25.21
CA GLU A 32 5.84 -22.49 -23.79
C GLU A 32 6.94 -23.52 -23.51
N ASP A 33 6.99 -24.58 -24.30
CA ASP A 33 7.94 -25.67 -24.06
C ASP A 33 9.37 -25.35 -24.48
N TYR A 34 9.56 -24.31 -25.29
CA TYR A 34 10.85 -24.06 -25.92
C TYR A 34 11.67 -23.02 -25.19
N ALA A 35 12.99 -23.17 -25.25
CA ALA A 35 13.92 -22.26 -24.61
C ALA A 35 14.09 -20.97 -25.41
N PRO A 36 14.02 -19.82 -24.73
CA PRO A 36 14.05 -18.52 -25.42
C PRO A 36 15.39 -18.16 -26.06
N GLU A 37 16.49 -18.63 -25.46
CA GLU A 37 17.85 -18.31 -25.93
C GLU A 37 18.12 -18.86 -27.33
N ASP A 38 17.51 -20.02 -27.62
CA ASP A 38 17.69 -20.74 -28.89
C ASP A 38 16.74 -20.30 -30.00
N MET A 39 15.74 -19.50 -29.64
CA MET A 39 14.75 -19.02 -30.60
C MET A 39 15.39 -18.03 -31.56
N PRO A 40 14.93 -18.00 -32.82
CA PRO A 40 15.40 -16.97 -33.77
C PRO A 40 14.97 -15.58 -33.30
N TYR A 41 15.81 -14.58 -33.54
CA TYR A 41 15.57 -13.21 -33.13
C TYR A 41 14.12 -12.74 -33.30
N VAL A 42 13.52 -13.01 -34.46
CA VAL A 42 12.15 -12.57 -34.70
C VAL A 42 11.12 -13.27 -33.81
N ILE A 43 11.39 -14.51 -33.45
CA ILE A 43 10.49 -15.23 -32.56
C ILE A 43 10.64 -14.70 -31.12
N GLN A 44 11.86 -14.41 -30.71
CA GLN A 44 12.12 -13.74 -29.43
C GLN A 44 11.31 -12.45 -29.37
N TYR A 45 11.28 -11.71 -30.48
CA TYR A 45 10.48 -10.50 -30.60
C TYR A 45 8.99 -10.76 -30.45
N GLU A 46 8.52 -11.82 -31.11
CA GLU A 46 7.11 -12.21 -31.03
C GLU A 46 6.73 -12.54 -29.59
N LEU A 47 7.61 -13.27 -28.91
CA LEU A 47 7.32 -13.80 -27.60
C LEU A 47 7.38 -12.67 -26.57
N ALA A 48 8.51 -11.97 -26.52
CA ALA A 48 8.66 -10.75 -25.69
C ALA A 48 7.48 -9.80 -25.84
N SER A 49 7.10 -9.47 -27.07
CA SER A 49 5.97 -8.60 -27.29
C SER A 49 4.66 -9.18 -26.75
N SER A 50 4.47 -10.48 -26.96
CA SER A 50 3.27 -11.18 -26.49
C SER A 50 3.18 -11.19 -24.97
N TYR A 51 4.28 -11.42 -24.26
CA TYR A 51 4.28 -11.30 -22.81
C TYR A 51 3.96 -9.88 -22.33
N VAL A 52 4.54 -8.88 -22.98
CA VAL A 52 4.27 -7.51 -22.60
C VAL A 52 2.80 -7.17 -22.85
N MET A 53 2.23 -7.69 -23.94
CA MET A 53 0.86 -7.35 -24.35
C MET A 53 -0.18 -8.09 -23.52
N THR A 54 0.27 -9.03 -22.70
CA THR A 54 -0.65 -9.73 -21.78
C THR A 54 -0.30 -9.50 -20.30
N GLU A 55 0.63 -8.59 -20.02
CA GLU A 55 0.87 -8.13 -18.67
C GLU A 55 -0.34 -7.36 -18.13
N SER A 56 -0.38 -7.20 -16.81
CA SER A 56 -1.41 -6.39 -16.17
C SER A 56 -1.03 -4.93 -16.22
N LEU A 57 -1.55 -4.25 -17.24
CA LEU A 57 -1.21 -2.88 -17.55
C LEU A 57 -2.39 -2.31 -18.32
N THR A 58 -2.57 -1.01 -18.26
CA THR A 58 -3.56 -0.37 -19.14
C THR A 58 -3.10 -0.60 -20.58
N GLU A 59 -4.00 -0.38 -21.54
CA GLU A 59 -3.62 -0.51 -22.94
C GLU A 59 -2.51 0.46 -23.26
N GLU A 60 -2.62 1.68 -22.75
CA GLU A 60 -1.61 2.67 -23.04
C GLU A 60 -0.23 2.20 -22.52
N GLN A 61 -0.20 1.66 -21.31
CA GLN A 61 1.04 1.15 -20.72
C GLN A 61 1.63 -0.01 -21.51
N ARG A 62 0.76 -0.86 -22.04
CA ARG A 62 1.22 -1.98 -22.86
C ARG A 62 1.89 -1.42 -24.12
N GLN A 63 1.22 -0.46 -24.76
CA GLN A 63 1.75 0.23 -25.92
C GLN A 63 3.11 0.86 -25.63
N THR A 64 3.22 1.57 -24.53
CA THR A 64 4.47 2.20 -24.17
C THR A 64 5.64 1.23 -24.01
N VAL A 65 5.41 0.11 -23.33
CA VAL A 65 6.48 -0.85 -23.19
C VAL A 65 6.77 -1.51 -24.54
N SER A 66 5.75 -2.00 -25.23
CA SER A 66 6.02 -2.73 -26.44
C SER A 66 6.47 -1.86 -27.63
N ASN A 67 6.04 -0.61 -27.71
CA ASN A 67 6.59 0.29 -28.72
C ASN A 67 8.08 0.51 -28.56
N ASN A 68 8.60 0.21 -27.38
CA ASN A 68 10.03 0.29 -27.09
C ASN A 68 10.76 -0.99 -27.51
N ILE A 69 10.01 -2.02 -27.88
CA ILE A 69 10.59 -3.28 -28.31
C ILE A 69 10.43 -3.38 -29.84
N THR A 70 11.56 -3.28 -30.55
CA THR A 70 11.55 -3.21 -32.01
C THR A 70 12.46 -4.29 -32.53
N LEU A 71 12.47 -4.51 -33.84
CA LEU A 71 13.41 -5.46 -34.41
C LEU A 71 14.84 -4.90 -34.62
N LYS A 72 15.11 -3.70 -34.11
CA LYS A 72 16.49 -3.21 -33.94
C LYS A 72 16.92 -3.32 -32.46
N THR A 73 16.01 -3.74 -31.58
CA THR A 73 16.30 -3.84 -30.16
C THR A 73 17.20 -5.04 -29.82
N ASP A 74 18.14 -4.83 -28.91
CA ASP A 74 19.04 -5.88 -28.43
C ASP A 74 18.26 -7.08 -27.89
N GLU A 75 18.76 -8.28 -28.21
CA GLU A 75 18.22 -9.57 -27.75
C GLU A 75 17.93 -9.58 -26.24
N GLN A 76 18.84 -8.97 -25.47
CA GLN A 76 18.75 -8.92 -24.02
C GLN A 76 17.43 -8.33 -23.50
N TYR A 77 16.96 -7.24 -24.09
CA TYR A 77 15.69 -6.66 -23.67
C TYR A 77 14.55 -7.59 -23.96
N MET A 78 14.68 -8.40 -25.00
CA MET A 78 13.63 -9.36 -25.33
C MET A 78 13.69 -10.55 -24.39
N LEU A 79 14.88 -10.99 -24.04
CA LEU A 79 15.00 -12.08 -23.07
C LEU A 79 14.48 -11.63 -21.69
N TYR A 80 14.81 -10.40 -21.29
CA TYR A 80 14.32 -9.81 -20.04
C TYR A 80 12.82 -10.01 -19.92
N TRP A 81 12.08 -9.55 -20.92
CA TRP A 81 10.63 -9.60 -20.88
C TRP A 81 10.04 -11.01 -20.95
N ILE A 82 10.79 -11.91 -21.58
CA ILE A 82 10.33 -13.28 -21.69
C ILE A 82 10.48 -13.96 -20.33
N TYR A 83 11.60 -13.69 -19.67
CA TYR A 83 11.81 -14.15 -18.29
C TYR A 83 10.73 -13.60 -17.32
N ILE A 84 10.57 -12.28 -17.28
CA ILE A 84 9.47 -11.70 -16.52
C ILE A 84 8.19 -12.45 -16.81
N GLY A 85 7.83 -12.56 -18.08
CA GLY A 85 6.53 -13.13 -18.47
C GLY A 85 6.41 -14.55 -18.00
N ARG A 86 7.55 -15.21 -17.84
CA ARG A 86 7.54 -16.62 -17.49
C ARG A 86 7.76 -16.87 -16.00
N SER A 87 7.85 -15.79 -15.21
CA SER A 87 8.19 -15.83 -13.78
C SER A 87 9.58 -16.38 -13.51
N GLN A 88 10.48 -16.18 -14.45
CA GLN A 88 11.88 -16.53 -14.22
C GLN A 88 12.58 -15.26 -13.79
N SER A 89 12.11 -14.76 -12.65
CA SER A 89 12.47 -13.44 -12.17
C SER A 89 13.92 -13.35 -11.77
N GLU A 90 14.46 -14.42 -11.20
CA GLU A 90 15.89 -14.47 -10.90
C GLU A 90 16.70 -14.18 -12.17
N GLU A 91 16.34 -14.90 -13.23
CA GLU A 91 16.98 -14.78 -14.53
C GLU A 91 16.79 -13.38 -15.13
N ALA A 92 15.58 -12.83 -15.00
CA ALA A 92 15.30 -11.47 -15.45
C ALA A 92 16.17 -10.47 -14.72
N LEU A 93 16.31 -10.66 -13.41
CA LEU A 93 17.12 -9.78 -12.57
C LEU A 93 18.60 -9.81 -12.94
N GLU A 94 19.16 -11.02 -13.05
CA GLU A 94 20.58 -11.16 -13.40
C GLU A 94 20.87 -10.46 -14.74
N LEU A 95 20.02 -10.71 -15.74
CA LEU A 95 20.10 -10.05 -17.03
C LEU A 95 19.98 -8.54 -16.90
N ALA A 96 18.99 -8.09 -16.11
CA ALA A 96 18.79 -6.66 -15.87
C ALA A 96 20.05 -5.97 -15.33
N ARG A 97 20.74 -6.61 -14.38
N ARG A 97 20.71 -6.63 -14.38
CA ARG A 97 21.98 -6.07 -13.85
CA ARG A 97 21.98 -6.14 -13.81
C ARG A 97 23.09 -6.05 -14.90
C ARG A 97 23.06 -6.05 -14.90
N THR A 98 23.12 -7.08 -15.74
CA THR A 98 24.04 -7.12 -16.89
C THR A 98 23.76 -5.96 -17.87
N ILE A 99 22.49 -5.69 -18.14
CA ILE A 99 22.12 -4.58 -19.02
C ILE A 99 22.49 -3.25 -18.38
N GLU A 100 22.43 -3.23 -17.04
CA GLU A 100 22.69 -2.02 -16.24
C GLU A 100 21.64 -0.91 -16.39
N ASP A 101 20.39 -1.29 -16.64
CA ASP A 101 19.29 -0.32 -16.65
C ASP A 101 18.57 -0.40 -15.30
N ARG A 102 18.57 0.73 -14.59
N ARG A 102 18.56 0.71 -14.58
CA ARG A 102 18.01 0.85 -13.25
CA ARG A 102 18.04 0.75 -13.20
C ARG A 102 16.57 0.41 -13.14
C ARG A 102 16.54 0.42 -13.11
N ASP A 103 15.74 0.93 -14.04
CA ASP A 103 14.31 0.64 -14.07
C ASP A 103 14.01 -0.86 -14.22
N LEU A 104 14.81 -1.55 -15.02
CA LEU A 104 14.55 -2.99 -15.22
C LEU A 104 15.07 -3.81 -14.05
N ILE A 105 16.14 -3.32 -13.41
CA ILE A 105 16.64 -3.95 -12.18
C ILE A 105 15.59 -3.85 -11.06
N VAL A 106 15.08 -2.65 -10.83
CA VAL A 106 14.07 -2.43 -9.80
C VAL A 106 12.81 -3.28 -10.03
N TYR A 107 12.29 -3.30 -11.26
CA TYR A 107 11.10 -4.07 -11.57
C TYR A 107 11.35 -5.57 -11.40
N ALA A 108 12.50 -6.01 -11.85
CA ALA A 108 12.89 -7.41 -11.69
C ALA A 108 13.08 -7.81 -10.21
N LEU A 109 13.69 -6.94 -9.42
CA LEU A 109 13.82 -7.21 -7.97
C LEU A 109 12.46 -7.44 -7.34
N LEU A 110 11.54 -6.53 -7.65
CA LEU A 110 10.18 -6.62 -7.14
C LEU A 110 9.52 -7.91 -7.55
N LYS A 111 9.68 -8.33 -8.80
CA LYS A 111 9.11 -9.60 -9.23
C LYS A 111 9.85 -10.80 -8.60
N TYR A 112 11.16 -10.68 -8.45
CA TYR A 112 11.98 -11.71 -7.78
C TYR A 112 11.59 -11.89 -6.33
N ARG A 113 11.41 -10.76 -5.65
CA ARG A 113 10.89 -10.76 -4.29
C ARG A 113 9.71 -11.71 -4.20
N GLU A 114 8.77 -11.58 -5.13
CA GLU A 114 7.58 -12.42 -5.18
C GLU A 114 7.88 -13.89 -5.44
N GLN A 115 8.92 -14.17 -6.24
CA GLN A 115 9.32 -15.54 -6.53
C GLN A 115 9.82 -16.19 -5.26
N ILE A 116 10.71 -15.49 -4.54
CA ILE A 116 11.21 -15.92 -3.23
C ILE A 116 10.05 -16.20 -2.28
N LYS A 117 9.20 -15.19 -2.10
CA LYS A 117 8.01 -15.25 -1.24
C LYS A 117 7.27 -16.58 -1.38
N GLY A 118 7.19 -17.10 -2.61
CA GLY A 118 6.46 -18.34 -2.88
C GLY A 118 7.29 -19.57 -3.20
N ASP A 119 8.60 -19.52 -2.96
CA ASP A 119 9.49 -20.66 -3.24
C ASP A 119 9.35 -21.76 -2.18
N THR A 120 9.03 -22.97 -2.63
CA THR A 120 8.78 -24.13 -1.72
C THR A 120 10.06 -24.77 -1.17
N ASP A 121 11.12 -24.76 -1.97
CA ASP A 121 12.39 -25.38 -1.58
C ASP A 121 13.09 -24.66 -0.44
N LEU A 122 13.11 -23.33 -0.47
CA LEU A 122 13.73 -22.53 0.58
C LEU A 122 13.06 -22.77 1.95
N SER A 123 13.88 -22.86 3.00
CA SER A 123 13.35 -23.02 4.35
C SER A 123 12.76 -21.70 4.86
N GLY A 124 12.08 -21.77 6.01
CA GLY A 124 11.49 -20.59 6.64
C GLY A 124 12.49 -19.46 6.84
N ASP A 125 13.65 -19.80 7.39
CA ASP A 125 14.68 -18.81 7.73
C ASP A 125 15.48 -18.31 6.54
N GLU A 126 15.69 -19.17 5.55
CA GLU A 126 16.44 -18.77 4.36
C GLU A 126 15.63 -17.80 3.53
N LYS A 127 14.35 -18.13 3.35
CA LYS A 127 13.38 -17.26 2.69
C LYS A 127 13.39 -15.84 3.28
N GLN A 128 13.28 -15.74 4.60
CA GLN A 128 13.22 -14.45 5.27
C GLN A 128 14.51 -13.66 5.08
N LYS A 129 15.66 -14.31 5.18
CA LYS A 129 16.93 -13.61 5.00
C LYS A 129 17.05 -13.05 3.59
N LYS A 130 16.59 -13.82 2.60
CA LYS A 130 16.55 -13.38 1.19
C LYS A 130 15.62 -12.17 0.95
N LEU A 131 14.41 -12.26 1.48
CA LEU A 131 13.48 -11.15 1.43
C LEU A 131 14.05 -9.91 2.13
N ASP A 132 14.64 -10.09 3.32
CA ASP A 132 15.29 -8.99 4.06
C ASP A 132 16.30 -8.26 3.17
N GLU A 133 17.08 -9.03 2.41
CA GLU A 133 18.12 -8.46 1.54
C GLU A 133 17.49 -7.70 0.38
N ILE A 134 16.50 -8.30 -0.26
CA ILE A 134 15.81 -7.65 -1.38
C ILE A 134 15.12 -6.38 -0.88
N ASP A 135 14.49 -6.46 0.29
CA ASP A 135 13.75 -5.33 0.83
C ASP A 135 14.68 -4.14 1.04
N GLN A 136 15.87 -4.40 1.57
CA GLN A 136 16.83 -3.35 1.83
C GLN A 136 17.32 -2.74 0.52
N GLU A 137 17.63 -3.59 -0.46
CA GLU A 137 18.00 -3.10 -1.79
C GLU A 137 16.97 -2.16 -2.42
N ILE A 138 15.70 -2.57 -2.37
CA ILE A 138 14.57 -1.75 -2.81
C ILE A 138 14.52 -0.39 -2.08
N LYS A 139 14.75 -0.39 -0.77
CA LYS A 139 14.81 0.89 -0.07
C LYS A 139 15.95 1.71 -0.67
N GLU A 140 17.10 1.09 -0.87
CA GLU A 140 18.22 1.83 -1.41
C GLU A 140 17.90 2.47 -2.77
N TYR A 141 17.21 1.74 -3.65
CA TYR A 141 16.88 2.32 -4.95
C TYR A 141 15.89 3.44 -4.81
N GLU A 142 15.00 3.30 -3.84
CA GLU A 142 14.00 4.31 -3.56
C GLU A 142 14.63 5.60 -3.02
N ARG A 143 15.57 5.46 -2.09
CA ARG A 143 16.33 6.61 -1.60
C ARG A 143 17.09 7.32 -2.74
N GLU A 144 17.67 6.56 -3.67
CA GLU A 144 18.32 7.18 -4.83
C GLU A 144 17.33 7.88 -5.77
N ARG A 145 16.15 7.27 -5.93
N ARG A 145 16.17 7.27 -5.99
CA ARG A 145 15.03 7.86 -6.65
CA ARG A 145 15.16 7.88 -6.85
C ARG A 145 14.67 9.23 -6.08
C ARG A 145 14.75 9.23 -6.27
N LYS A 146 14.47 9.30 -4.77
N LYS A 146 14.55 9.26 -4.95
CA LYS A 146 14.11 10.57 -4.14
CA LYS A 146 14.13 10.48 -4.27
C LYS A 146 15.21 11.61 -4.30
C LYS A 146 15.20 11.58 -4.35
N GLU A 147 16.47 11.19 -4.17
CA GLU A 147 17.60 12.12 -4.27
C GLU A 147 17.81 12.72 -5.65
N SER A 148 17.58 11.91 -6.69
CA SER A 148 17.62 12.37 -8.08
C SER A 148 16.53 13.39 -8.38
N GLU A 149 15.30 13.09 -7.95
CA GLU A 149 14.15 13.97 -8.08
C GLU A 149 14.44 15.43 -7.66
N ALA A 150 15.13 15.61 -6.52
CA ALA A 150 15.54 16.95 -6.09
C ALA A 150 16.80 16.91 -5.22
N GLN A 151 17.94 17.26 -5.80
CA GLN A 151 19.22 17.20 -5.07
C GLN A 151 19.38 18.37 -4.09
N LEU A 152 18.66 19.44 -4.37
CA LEU A 152 18.52 20.56 -3.42
C LEU A 152 19.79 21.40 -3.22
N GLU A 153 20.72 21.26 -4.16
CA GLU A 153 21.85 22.16 -4.30
C GLU A 153 21.41 23.36 -5.15
N GLU A 154 21.96 24.57 -4.94
CA GLU A 154 22.86 24.95 -3.84
C GLU A 154 23.15 26.45 -3.94
N SER B 3 -21.30 -0.10 -17.96
CA SER B 3 -21.56 -0.68 -16.62
C SER B 3 -20.45 -0.34 -15.62
N THR B 4 -20.82 -0.30 -14.35
CA THR B 4 -19.93 -0.05 -13.24
C THR B 4 -20.30 -1.07 -12.16
N ALA B 5 -18.18 -2.18 -12.63
CA ALA B 5 -17.96 -3.17 -11.57
C ALA B 5 -18.34 -2.63 -10.19
N GLN B 6 -19.27 -3.31 -9.55
CA GLN B 6 -19.65 -2.99 -8.19
C GLN B 6 -19.76 -4.29 -7.38
N PRO B 7 -18.64 -5.01 -7.23
CA PRO B 7 -18.76 -6.36 -6.68
C PRO B 7 -19.22 -6.45 -5.24
N LYS B 8 -19.02 -5.38 -4.47
N LYS B 8 -18.84 -5.48 -4.40
CA LYS B 8 -19.49 -5.31 -3.09
CA LYS B 8 -19.13 -5.56 -2.98
C LYS B 8 -21.01 -5.18 -2.97
C LYS B 8 -20.62 -5.42 -2.81
N GLN B 9 -21.61 -4.22 -3.69
N GLN B 9 -21.19 -4.44 -3.52
CA GLN B 9 -23.05 -4.07 -3.69
CA GLN B 9 -22.63 -4.23 -3.56
C GLN B 9 -23.69 -5.39 -4.10
C GLN B 9 -23.34 -5.55 -3.84
N GLU B 10 -23.07 -6.11 -5.02
CA GLU B 10 -23.57 -7.41 -5.42
C GLU B 10 -23.35 -8.50 -4.37
N ALA B 11 -22.24 -8.43 -3.63
CA ALA B 11 -21.96 -9.41 -2.59
C ALA B 11 -22.93 -9.23 -1.42
N TYR B 12 -23.23 -7.98 -1.09
CA TYR B 12 -24.19 -7.70 -0.04
C TYR B 12 -25.58 -8.18 -0.41
N ILE B 13 -25.95 -8.07 -1.68
CA ILE B 13 -27.27 -8.55 -2.11
C ILE B 13 -27.31 -10.07 -2.00
N GLN B 14 -26.27 -10.73 -2.50
N GLN B 14 -26.26 -10.72 -2.51
CA GLN B 14 -26.24 -12.18 -2.48
CA GLN B 14 -26.17 -12.17 -2.49
C GLN B 14 -26.15 -12.74 -1.06
C GLN B 14 -26.16 -12.71 -1.06
N SER B 15 -25.41 -12.08 -0.17
CA SER B 15 -25.30 -12.60 1.20
C SER B 15 -26.64 -12.50 1.94
N THR B 16 -27.39 -11.45 1.61
CA THR B 16 -28.74 -11.26 2.14
C THR B 16 -29.66 -12.38 1.66
N GLU B 17 -29.63 -12.66 0.35
CA GLU B 17 -30.37 -13.76 -0.22
C GLU B 17 -30.05 -15.09 0.48
N LEU B 18 -28.77 -15.31 0.77
CA LEU B 18 -28.33 -16.54 1.39
C LEU B 18 -28.68 -16.56 2.87
N PHE B 19 -28.53 -15.41 3.52
CA PHE B 19 -28.81 -15.34 4.96
C PHE B 19 -30.27 -15.61 5.23
N LEU B 20 -31.15 -15.10 4.36
CA LEU B 20 -32.57 -15.30 4.52
C LEU B 20 -32.96 -16.77 4.36
N GLN B 21 -32.05 -17.58 3.81
CA GLN B 21 -32.30 -19.02 3.66
C GLN B 21 -31.56 -19.79 4.74
N ASN B 22 -30.97 -19.07 5.69
CA ASN B 22 -30.14 -19.66 6.73
C ASN B 22 -28.90 -20.33 6.16
N LYS B 23 -28.39 -19.83 5.04
CA LYS B 23 -27.28 -20.51 4.41
C LYS B 23 -25.99 -19.91 4.92
N TYR B 24 -25.69 -20.19 6.18
CA TYR B 24 -24.67 -19.47 6.93
C TYR B 24 -23.30 -19.59 6.29
N SER B 25 -22.94 -20.80 5.84
CA SER B 25 -21.59 -20.97 5.33
C SER B 25 -21.43 -20.28 3.97
N ASP B 26 -22.50 -20.23 3.18
CA ASP B 26 -22.49 -19.47 1.93
C ASP B 26 -22.39 -17.95 2.13
N VAL B 27 -22.97 -17.44 3.22
CA VAL B 27 -22.82 -16.03 3.60
C VAL B 27 -21.35 -15.76 3.89
N ILE B 28 -20.74 -16.66 4.65
CA ILE B 28 -19.35 -16.54 5.05
C ILE B 28 -18.42 -16.52 3.81
N THR B 29 -18.58 -17.53 2.97
CA THR B 29 -17.86 -17.63 1.70
C THR B 29 -18.07 -16.40 0.81
N THR B 30 -19.32 -15.93 0.72
CA THR B 30 -19.62 -14.76 -0.08
C THR B 30 -18.79 -13.55 0.37
N LEU B 31 -18.63 -13.41 1.68
CA LEU B 31 -18.05 -12.19 2.23
C LEU B 31 -16.57 -12.28 2.65
N GLU B 32 -15.99 -13.48 2.53
CA GLU B 32 -14.58 -13.77 2.85
C GLU B 32 -13.57 -12.63 2.62
N ASP B 33 -13.64 -11.99 1.47
CA ASP B 33 -12.58 -11.11 1.03
C ASP B 33 -12.80 -9.66 1.44
N TYR B 34 -13.86 -9.42 2.22
CA TYR B 34 -14.26 -8.08 2.60
C TYR B 34 -13.88 -7.74 4.04
N ALA B 35 -13.56 -6.48 4.27
CA ALA B 35 -13.22 -5.94 5.58
C ALA B 35 -14.49 -5.75 6.42
N PRO B 36 -14.58 -6.43 7.58
CA PRO B 36 -15.77 -6.34 8.46
C PRO B 36 -16.10 -4.90 8.84
N GLU B 37 -15.08 -4.11 9.08
CA GLU B 37 -15.27 -2.74 9.50
C GLU B 37 -15.95 -1.84 8.43
N ASP B 38 -15.69 -2.12 7.16
N ASP B 38 -15.69 -2.07 7.14
CA ASP B 38 -16.26 -1.34 6.07
CA ASP B 38 -16.39 -1.30 6.08
C ASP B 38 -17.77 -1.67 5.86
C ASP B 38 -17.53 -2.08 5.43
N MET B 39 -18.19 -2.88 6.25
CA MET B 39 -19.50 -3.45 5.89
C MET B 39 -20.66 -2.64 6.48
N PRO B 40 -21.78 -2.55 5.74
CA PRO B 40 -22.97 -1.95 6.35
C PRO B 40 -23.38 -2.75 7.58
N TYR B 41 -23.94 -2.07 8.57
CA TYR B 41 -24.33 -2.66 9.83
C TYR B 41 -25.15 -3.95 9.63
N VAL B 42 -26.08 -3.95 8.67
CA VAL B 42 -26.91 -5.12 8.47
C VAL B 42 -26.13 -6.33 7.90
N ILE B 43 -25.16 -6.05 7.03
CA ILE B 43 -24.26 -7.09 6.56
C ILE B 43 -23.38 -7.62 7.70
N GLN B 44 -22.90 -6.73 8.57
CA GLN B 44 -22.15 -7.20 9.73
C GLN B 44 -22.99 -8.13 10.59
N TYR B 45 -24.26 -7.77 10.76
CA TYR B 45 -25.22 -8.59 11.49
C TYR B 45 -25.39 -9.95 10.83
N GLU B 46 -25.54 -9.98 9.51
CA GLU B 46 -25.73 -11.25 8.80
C GLU B 46 -24.50 -12.12 9.00
N LEU B 47 -23.34 -11.51 8.82
CA LEU B 47 -22.07 -12.23 8.89
C LEU B 47 -21.76 -12.73 10.30
N ALA B 48 -21.92 -11.86 11.30
CA ALA B 48 -21.66 -12.24 12.69
C ALA B 48 -22.60 -13.38 13.08
N SER B 49 -23.87 -13.22 12.73
CA SER B 49 -24.81 -14.28 12.97
C SER B 49 -24.35 -15.58 12.32
N SER B 50 -23.89 -15.49 11.07
CA SER B 50 -23.49 -16.71 10.36
C SER B 50 -22.26 -17.34 11.01
N TYR B 51 -21.30 -16.52 11.43
CA TYR B 51 -20.15 -17.11 12.12
C TYR B 51 -20.57 -17.83 13.38
N VAL B 52 -21.40 -17.18 14.20
CA VAL B 52 -21.90 -17.78 15.45
C VAL B 52 -22.55 -19.16 15.21
N MET B 53 -23.33 -19.25 14.14
CA MET B 53 -24.03 -20.48 13.82
C MET B 53 -23.08 -21.53 13.24
N THR B 54 -21.79 -21.21 13.18
CA THR B 54 -20.84 -22.19 12.76
C THR B 54 -19.67 -22.33 13.72
N GLU B 55 -19.68 -21.58 14.82
CA GLU B 55 -18.77 -21.86 15.94
C GLU B 55 -19.14 -23.18 16.58
N SER B 56 -18.18 -23.79 17.25
CA SER B 56 -18.50 -24.99 17.99
C SER B 56 -19.08 -24.67 19.38
N LEU B 57 -20.41 -24.79 19.45
CA LEU B 57 -21.22 -24.49 20.63
C LEU B 57 -22.31 -25.53 20.66
N THR B 58 -22.85 -25.82 21.84
CA THR B 58 -24.03 -26.68 21.90
C THR B 58 -25.21 -25.99 21.23
N GLU B 59 -26.27 -26.75 20.96
CA GLU B 59 -27.52 -26.21 20.41
C GLU B 59 -28.07 -25.06 21.26
N GLU B 60 -28.07 -25.23 22.57
CA GLU B 60 -28.53 -24.18 23.46
C GLU B 60 -27.65 -22.94 23.38
N GLN B 61 -26.34 -23.14 23.47
CA GLN B 61 -25.37 -22.06 23.47
C GLN B 61 -25.43 -21.20 22.21
N ARG B 62 -25.56 -21.83 21.05
CA ARG B 62 -25.55 -21.07 19.81
C ARG B 62 -26.86 -20.28 19.67
N GLN B 63 -27.97 -20.86 20.12
CA GLN B 63 -29.22 -20.10 20.16
C GLN B 63 -29.14 -18.94 21.15
N THR B 64 -28.56 -19.15 22.33
CA THR B 64 -28.40 -18.05 23.28
C THR B 64 -27.57 -16.91 22.66
N VAL B 65 -26.39 -17.25 22.14
CA VAL B 65 -25.48 -16.23 21.65
C VAL B 65 -26.10 -15.48 20.50
N SER B 66 -26.71 -16.20 19.57
CA SER B 66 -27.26 -15.55 18.40
C SER B 66 -28.54 -14.76 18.74
N ASN B 67 -29.31 -15.23 19.71
CA ASN B 67 -30.46 -14.46 20.17
C ASN B 67 -30.05 -13.13 20.77
N ASN B 68 -28.89 -13.12 21.41
N ASN B 68 -28.89 -13.11 21.42
CA ASN B 68 -28.26 -11.91 21.94
CA ASN B 68 -28.33 -11.86 21.94
C ASN B 68 -27.51 -11.09 20.89
C ASN B 68 -27.81 -10.93 20.86
N ILE B 69 -27.71 -11.40 19.63
CA ILE B 69 -27.25 -10.56 18.51
C ILE B 69 -28.45 -10.06 17.70
N THR B 70 -28.72 -8.76 17.81
CA THR B 70 -29.91 -8.16 17.21
C THR B 70 -29.51 -6.96 16.42
N LEU B 71 -30.45 -6.39 15.70
CA LEU B 71 -30.18 -5.23 14.88
C LEU B 71 -30.24 -3.93 15.69
N LYS B 72 -30.24 -4.06 17.01
CA LYS B 72 -30.02 -2.94 17.92
C LYS B 72 -28.77 -3.19 18.77
N THR B 73 -28.03 -4.26 18.45
CA THR B 73 -26.80 -4.60 19.17
C THR B 73 -25.63 -3.75 18.64
N ASP B 74 -24.71 -3.38 19.53
CA ASP B 74 -23.55 -2.56 19.14
C ASP B 74 -22.67 -3.28 18.11
N GLU B 75 -22.21 -2.55 17.10
CA GLU B 75 -21.40 -3.13 16.05
C GLU B 75 -20.19 -3.91 16.59
N GLN B 76 -19.61 -3.42 17.68
CA GLN B 76 -18.45 -4.07 18.30
C GLN B 76 -18.67 -5.55 18.64
N TYR B 77 -19.90 -5.91 19.03
CA TYR B 77 -20.22 -7.30 19.31
C TYR B 77 -20.25 -8.10 18.02
N MET B 78 -20.66 -7.46 16.93
CA MET B 78 -20.69 -8.14 15.67
C MET B 78 -19.30 -8.35 15.11
N LEU B 79 -18.50 -7.27 15.08
CA LEU B 79 -17.09 -7.38 14.75
C LEU B 79 -16.40 -8.47 15.61
N TYR B 80 -16.72 -8.54 16.90
CA TYR B 80 -16.12 -9.55 17.74
C TYR B 80 -16.32 -10.96 17.18
N TRP B 81 -17.57 -11.34 16.92
CA TRP B 81 -17.86 -12.68 16.40
C TRP B 81 -17.34 -12.92 14.98
N ILE B 82 -17.18 -11.86 14.20
CA ILE B 82 -16.59 -12.00 12.87
C ILE B 82 -15.10 -12.35 12.99
N TYR B 83 -14.39 -11.62 13.84
CA TYR B 83 -12.99 -11.93 14.08
C TYR B 83 -12.78 -13.35 14.65
N ILE B 84 -13.59 -13.76 15.62
CA ILE B 84 -13.53 -15.13 16.12
C ILE B 84 -13.72 -16.08 14.96
N GLY B 85 -14.80 -15.86 14.20
CA GLY B 85 -15.15 -16.67 13.06
C GLY B 85 -14.03 -16.80 12.04
N ARG B 86 -13.28 -15.72 11.83
CA ARG B 86 -12.20 -15.73 10.88
C ARG B 86 -10.90 -16.17 11.51
N SER B 87 -10.94 -16.67 12.75
CA SER B 87 -9.73 -17.09 13.43
C SER B 87 -8.77 -15.95 13.69
N GLN B 88 -9.30 -14.73 13.83
CA GLN B 88 -8.47 -13.59 14.21
C GLN B 88 -8.67 -13.29 15.71
N SER B 89 -8.22 -14.22 16.53
CA SER B 89 -8.48 -14.13 17.96
C SER B 89 -7.76 -12.97 18.65
N GLU B 90 -6.59 -12.59 18.15
CA GLU B 90 -5.89 -11.43 18.72
C GLU B 90 -6.78 -10.19 18.58
N GLU B 91 -7.35 -10.05 17.39
CA GLU B 91 -8.23 -8.95 17.10
C GLU B 91 -9.47 -9.02 17.98
N ALA B 92 -10.05 -10.22 18.08
CA ALA B 92 -11.23 -10.44 18.92
C ALA B 92 -10.96 -10.19 20.40
N LEU B 93 -9.81 -10.63 20.88
CA LEU B 93 -9.39 -10.36 22.24
C LEU B 93 -9.37 -8.88 22.57
N GLU B 94 -8.73 -8.06 21.74
N GLU B 94 -8.70 -8.09 21.72
CA GLU B 94 -8.62 -6.62 22.09
CA GLU B 94 -8.60 -6.64 21.87
C GLU B 94 -9.95 -5.88 21.99
C GLU B 94 -9.96 -6.05 22.08
N LEU B 95 -10.85 -6.36 21.15
CA LEU B 95 -12.20 -5.85 21.11
C LEU B 95 -12.96 -6.25 22.37
N ALA B 96 -12.76 -7.48 22.84
CA ALA B 96 -13.46 -7.94 24.03
C ALA B 96 -13.04 -7.13 25.24
N ARG B 97 -11.75 -6.79 25.34
CA ARG B 97 -11.23 -5.94 26.41
C ARG B 97 -11.78 -4.52 26.33
N THR B 98 -11.83 -3.97 25.13
CA THR B 98 -12.43 -2.66 24.91
C THR B 98 -13.91 -2.66 25.29
N ILE B 99 -14.58 -3.80 25.11
CA ILE B 99 -16.00 -3.95 25.44
C ILE B 99 -16.15 -4.17 26.95
N GLU B 100 -15.10 -4.73 27.56
CA GLU B 100 -15.09 -5.06 28.99
C GLU B 100 -16.14 -6.13 29.32
N ASP B 101 -16.31 -7.07 28.40
CA ASP B 101 -17.19 -8.20 28.60
C ASP B 101 -16.34 -9.42 28.96
N ARG B 102 -16.37 -9.77 30.23
CA ARG B 102 -15.61 -10.87 30.76
C ARG B 102 -15.82 -12.15 29.95
N ASP B 103 -17.05 -12.44 29.56
CA ASP B 103 -17.36 -13.67 28.83
C ASP B 103 -16.64 -13.76 27.51
N LEU B 104 -16.65 -12.66 26.78
CA LEU B 104 -16.00 -12.61 25.48
C LEU B 104 -14.48 -12.56 25.64
N ILE B 105 -14.00 -12.05 26.77
CA ILE B 105 -12.54 -11.98 26.96
C ILE B 105 -12.05 -13.40 27.14
N VAL B 106 -12.73 -14.14 28.00
CA VAL B 106 -12.35 -15.52 28.26
C VAL B 106 -12.50 -16.37 26.98
N TYR B 107 -13.60 -16.21 26.26
CA TYR B 107 -13.79 -16.99 25.05
C TYR B 107 -12.63 -16.74 24.09
N ALA B 108 -12.30 -15.47 23.86
CA ALA B 108 -11.19 -15.12 22.95
C ALA B 108 -9.84 -15.63 23.43
N LEU B 109 -9.59 -15.56 24.72
CA LEU B 109 -8.36 -16.10 25.31
C LEU B 109 -8.23 -17.57 25.06
N LEU B 110 -9.36 -18.28 25.14
CA LEU B 110 -9.39 -19.72 24.89
C LEU B 110 -9.15 -20.04 23.40
N LYS B 111 -9.79 -19.33 22.48
N LYS B 111 -9.79 -19.27 22.53
CA LYS B 111 -9.49 -19.53 21.05
CA LYS B 111 -9.60 -19.37 21.08
C LYS B 111 -8.01 -19.21 20.81
C LYS B 111 -8.17 -19.02 20.66
N TYR B 112 -7.53 -18.13 21.43
CA TYR B 112 -6.15 -17.72 21.22
C TYR B 112 -5.21 -18.77 21.79
N ARG B 113 -5.63 -19.44 22.85
CA ARG B 113 -4.87 -20.56 23.40
C ARG B 113 -4.69 -21.68 22.35
N GLU B 114 -5.79 -22.06 21.67
CA GLU B 114 -5.77 -23.07 20.60
C GLU B 114 -4.80 -22.66 19.48
N GLN B 115 -4.91 -21.41 19.05
CA GLN B 115 -4.03 -20.85 18.04
C GLN B 115 -2.57 -21.04 18.41
N ILE B 116 -2.23 -20.72 19.66
CA ILE B 116 -0.87 -20.92 20.14
C ILE B 116 -0.47 -22.39 20.18
N LYS B 117 -1.43 -23.27 20.48
CA LYS B 117 -1.14 -24.71 20.53
C LYS B 117 -0.78 -25.29 19.15
N GLY B 118 -0.95 -24.50 18.10
CA GLY B 118 -0.66 -24.94 16.74
C GLY B 118 0.47 -24.18 16.07
N ASP B 119 0.70 -22.94 16.50
CA ASP B 119 1.75 -22.09 15.93
C ASP B 119 3.09 -22.82 15.87
N THR B 120 3.44 -23.27 14.66
CA THR B 120 4.68 -23.99 14.46
C THR B 120 5.89 -23.06 14.53
N ASP B 121 5.68 -21.77 14.20
CA ASP B 121 6.70 -20.72 14.34
C ASP B 121 7.17 -20.59 15.78
N LEU B 122 6.25 -20.74 16.73
CA LEU B 122 6.61 -20.72 18.14
C LEU B 122 7.34 -21.98 18.51
N SER B 123 8.37 -21.83 19.34
CA SER B 123 9.22 -22.93 19.77
C SER B 123 8.50 -23.94 20.68
N GLY B 124 9.24 -24.53 21.60
CA GLY B 124 8.64 -25.35 22.66
C GLY B 124 8.50 -24.55 23.94
N ASP B 125 9.51 -23.70 24.20
CA ASP B 125 9.60 -22.89 25.42
C ASP B 125 8.96 -21.51 25.33
N GLU B 126 8.85 -20.97 24.11
CA GLU B 126 8.12 -19.72 23.89
C GLU B 126 6.62 -19.98 24.03
N LYS B 127 6.21 -21.19 23.68
CA LYS B 127 4.80 -21.60 23.67
C LYS B 127 4.26 -21.80 25.08
N GLN B 128 5.09 -22.38 25.95
CA GLN B 128 4.66 -22.71 27.32
C GLN B 128 4.41 -21.44 28.14
N LYS B 129 5.33 -20.48 28.05
CA LYS B 129 5.14 -19.19 28.72
C LYS B 129 3.96 -18.37 28.17
N LYS B 130 3.58 -18.59 26.92
CA LYS B 130 2.37 -17.95 26.40
C LYS B 130 1.17 -18.65 26.98
N LEU B 131 1.23 -19.97 26.98
CA LEU B 131 0.08 -20.78 27.32
C LEU B 131 -0.25 -20.73 28.81
N ASP B 132 0.79 -20.69 29.66
CA ASP B 132 0.60 -20.51 31.09
C ASP B 132 0.11 -19.09 31.39
N GLU B 133 0.77 -18.09 30.81
CA GLU B 133 0.34 -16.70 30.89
C GLU B 133 -1.16 -16.50 30.62
N ILE B 134 -1.69 -17.27 29.66
CA ILE B 134 -3.11 -17.21 29.30
C ILE B 134 -3.93 -17.89 30.37
N ASP B 135 -3.45 -19.04 30.81
CA ASP B 135 -4.14 -19.77 31.86
C ASP B 135 -4.23 -19.00 33.19
N GLN B 136 -3.17 -18.25 33.54
CA GLN B 136 -3.18 -17.37 34.73
C GLN B 136 -4.23 -16.29 34.60
N GLU B 137 -4.29 -15.68 33.42
CA GLU B 137 -5.30 -14.67 33.19
C GLU B 137 -6.69 -15.30 33.21
N ILE B 138 -6.83 -16.55 32.78
CA ILE B 138 -8.18 -17.12 32.81
C ILE B 138 -8.65 -17.36 34.25
N LYS B 139 -7.75 -17.86 35.11
CA LYS B 139 -8.09 -18.11 36.51
C LYS B 139 -8.49 -16.81 37.21
N GLU B 140 -7.78 -15.73 36.87
CA GLU B 140 -8.06 -14.39 37.35
C GLU B 140 -9.48 -13.92 37.06
N TYR B 141 -10.05 -14.33 35.93
CA TYR B 141 -11.44 -14.01 35.64
C TYR B 141 -12.42 -14.98 36.28
N GLU B 142 -11.98 -16.20 36.54
CA GLU B 142 -12.82 -17.23 37.18
C GLU B 142 -13.04 -16.80 38.62
N ARG B 143 -11.93 -16.48 39.28
CA ARG B 143 -11.89 -16.04 40.68
C ARG B 143 -12.67 -14.73 40.90
N GLU B 144 -12.52 -13.79 39.97
CA GLU B 144 -13.31 -12.55 39.98
C GLU B 144 -14.82 -12.83 39.85
N ARG B 145 -15.18 -13.85 39.07
CA ARG B 145 -16.56 -14.31 38.97
C ARG B 145 -16.95 -15.06 40.25
N LYS B 146 -16.24 -16.16 40.50
CA LYS B 146 -16.45 -17.09 41.63
C LYS B 146 -16.68 -16.41 42.97
N GLU B 147 -15.82 -15.45 43.31
CA GLU B 147 -15.91 -14.77 44.60
C GLU B 147 -16.92 -13.62 44.60
N SER B 148 -17.17 -13.06 43.41
CA SER B 148 -18.24 -12.07 43.24
C SER B 148 -19.62 -12.72 43.33
N GLU B 149 -19.68 -14.01 42.99
CA GLU B 149 -20.93 -14.80 43.08
C GLU B 149 -21.50 -14.79 44.51
N ALA B 150 -20.67 -14.46 45.49
CA ALA B 150 -21.13 -14.25 46.85
C ALA B 150 -21.92 -12.94 46.93
N GLN B 151 -23.23 -13.03 46.71
CA GLN B 151 -24.11 -11.85 46.65
C GLN B 151 -25.33 -11.98 47.57
N LEU B 152 -26.28 -12.83 47.20
CA LEU B 152 -27.40 -13.16 48.08
C LEU B 152 -27.00 -14.31 49.01
N GLU B 153 -26.10 -15.16 48.52
CA GLU B 153 -25.52 -16.26 49.29
C GLU B 153 -23.99 -16.22 49.22
N ALA C 5 3.85 41.13 20.90
CA ALA C 5 4.62 42.22 21.58
C ALA C 5 5.59 41.63 22.63
N GLN C 6 5.19 41.68 23.91
CA GLN C 6 5.97 41.03 24.98
C GLN C 6 6.03 39.48 24.88
N PRO C 7 4.88 38.79 24.68
CA PRO C 7 5.02 37.33 24.52
C PRO C 7 5.76 36.97 23.23
N LYS C 8 5.61 37.77 22.18
CA LYS C 8 6.37 37.57 20.96
C LYS C 8 7.89 37.64 21.26
N GLN C 9 8.35 38.75 21.82
N GLN C 9 8.32 38.76 21.82
CA GLN C 9 9.76 38.88 22.18
CA GLN C 9 9.69 38.97 22.24
C GLN C 9 10.18 37.74 23.10
C GLN C 9 10.19 37.85 23.17
N GLU C 10 9.31 37.34 24.03
CA GLU C 10 9.62 36.25 24.93
C GLU C 10 9.69 34.91 24.22
N ALA C 11 8.85 34.73 23.20
CA ALA C 11 8.89 33.54 22.39
C ALA C 11 10.24 33.45 21.65
N TYR C 12 10.73 34.60 21.17
CA TYR C 12 11.99 34.68 20.43
C TYR C 12 13.18 34.28 21.31
N ILE C 13 13.16 34.75 22.56
CA ILE C 13 14.19 34.43 23.53
C ILE C 13 14.14 32.94 23.87
N GLN C 14 12.93 32.45 24.11
CA GLN C 14 12.75 31.05 24.43
C GLN C 14 13.19 30.19 23.25
N SER C 15 12.83 30.59 22.03
CA SER C 15 13.16 29.73 20.92
C SER C 15 14.66 29.76 20.63
N THR C 16 15.32 30.86 20.99
CA THR C 16 16.76 30.98 20.86
C THR C 16 17.45 30.02 21.83
N GLU C 17 16.96 29.98 23.06
CA GLU C 17 17.48 29.04 24.04
C GLU C 17 17.27 27.58 23.60
N LEU C 18 16.08 27.26 23.09
CA LEU C 18 15.78 25.90 22.63
C LEU C 18 16.62 25.55 21.41
N PHE C 19 16.85 26.53 20.55
CA PHE C 19 17.67 26.30 19.36
C PHE C 19 19.14 25.96 19.70
N LEU C 20 19.74 26.70 20.63
CA LEU C 20 21.14 26.45 21.03
C LEU C 20 21.26 25.14 21.77
N GLN C 21 20.12 24.58 22.17
CA GLN C 21 20.10 23.27 22.80
C GLN C 21 19.74 22.20 21.80
N ASN C 22 19.60 22.58 20.51
CA ASN C 22 19.28 21.63 19.42
C ASN C 22 17.88 21.00 19.55
N LYS C 23 16.96 21.72 20.16
CA LYS C 23 15.62 21.19 20.35
C LYS C 23 14.72 21.75 19.26
N TYR C 24 14.96 21.27 18.06
CA TYR C 24 14.28 21.78 16.87
C TYR C 24 12.74 21.74 16.93
N SER C 25 12.14 20.63 17.34
CA SER C 25 10.67 20.57 17.44
C SER C 25 10.12 21.51 18.47
N ASP C 26 10.89 21.78 19.53
CA ASP C 26 10.41 22.71 20.55
C ASP C 26 10.51 24.13 20.03
N VAL C 27 11.52 24.42 19.21
CA VAL C 27 11.64 25.74 18.59
C VAL C 27 10.40 25.99 17.72
N ILE C 28 9.95 24.93 17.04
CA ILE C 28 8.86 25.00 16.06
C ILE C 28 7.55 25.25 16.80
N THR C 29 7.28 24.40 17.77
CA THR C 29 6.15 24.56 18.65
C THR C 29 6.11 25.96 19.25
N THR C 30 7.23 26.46 19.77
CA THR C 30 7.27 27.77 20.39
C THR C 30 6.83 28.90 19.45
N LEU C 31 7.21 28.79 18.18
CA LEU C 31 6.97 29.86 17.23
C LEU C 31 5.73 29.63 16.38
N GLU C 32 5.02 28.53 16.61
CA GLU C 32 3.97 28.12 15.68
C GLU C 32 2.85 29.13 15.48
N ASP C 33 2.52 29.91 16.50
CA ASP C 33 1.43 30.88 16.40
C ASP C 33 1.82 32.21 15.75
N TYR C 34 3.07 32.35 15.29
CA TYR C 34 3.54 33.63 14.75
C TYR C 34 3.80 33.58 13.26
N ALA C 35 3.55 34.71 12.61
CA ALA C 35 3.81 34.86 11.19
C ALA C 35 5.31 34.93 11.03
N PRO C 36 5.86 34.18 10.07
CA PRO C 36 7.32 34.23 9.93
C PRO C 36 7.81 35.49 9.22
N GLU C 37 6.95 36.18 8.50
CA GLU C 37 7.39 37.31 7.68
C GLU C 37 7.80 38.48 8.55
N ASP C 38 7.22 38.56 9.73
CA ASP C 38 7.51 39.61 10.67
C ASP C 38 8.49 39.17 11.75
N MET C 39 9.06 37.97 11.62
CA MET C 39 10.05 37.53 12.59
C MET C 39 11.38 38.17 12.26
N PRO C 40 12.17 38.52 13.29
CA PRO C 40 13.52 38.95 12.99
C PRO C 40 14.30 37.90 12.20
N TYR C 41 15.16 38.38 11.30
CA TYR C 41 16.05 37.53 10.54
C TYR C 41 16.64 36.33 11.33
N VAL C 42 17.16 36.57 12.53
CA VAL C 42 17.87 35.49 13.23
C VAL C 42 16.89 34.41 13.66
N ILE C 43 15.67 34.81 13.96
CA ILE C 43 14.60 33.89 14.33
C ILE C 43 14.08 33.11 13.11
N GLN C 44 13.98 33.80 11.98
CA GLN C 44 13.68 33.09 10.74
C GLN C 44 14.72 32.01 10.52
N TYR C 45 15.97 32.35 10.74
CA TYR C 45 17.06 31.39 10.61
C TYR C 45 16.92 30.19 11.56
N GLU C 46 16.58 30.44 12.82
CA GLU C 46 16.46 29.36 13.79
C GLU C 46 15.29 28.50 13.35
N LEU C 47 14.19 29.16 12.99
CA LEU C 47 12.98 28.43 12.62
C LEU C 47 13.21 27.61 11.37
N ALA C 48 13.77 28.25 10.34
CA ALA C 48 14.04 27.54 9.08
C ALA C 48 14.96 26.37 9.34
N SER C 49 15.98 26.60 10.17
CA SER C 49 16.97 25.58 10.44
C SER C 49 16.29 24.42 11.12
N SER C 50 15.34 24.71 11.99
CA SER C 50 14.65 23.67 12.75
C SER C 50 13.70 22.83 11.90
N TYR C 51 12.96 23.47 10.99
CA TYR C 51 12.07 22.74 10.10
C TYR C 51 12.88 21.80 9.22
N VAL C 52 14.03 22.25 8.73
CA VAL C 52 14.88 21.43 7.88
C VAL C 52 15.33 20.18 8.62
N MET C 53 15.78 20.37 9.87
CA MET C 53 16.22 19.27 10.72
C MET C 53 15.12 18.23 10.93
N THR C 54 13.86 18.63 10.80
CA THR C 54 12.77 17.71 11.03
C THR C 54 11.99 17.39 9.75
N GLU C 55 12.45 17.91 8.61
CA GLU C 55 11.80 17.61 7.34
C GLU C 55 12.11 16.15 6.94
N SER C 56 11.24 15.56 6.14
CA SER C 56 11.49 14.18 5.71
C SER C 56 12.49 14.13 4.57
N LEU C 57 13.68 14.64 4.79
CA LEU C 57 14.70 14.63 3.78
C LEU C 57 15.55 13.42 4.08
N THR C 58 16.24 12.90 3.07
CA THR C 58 17.28 11.90 3.33
C THR C 58 18.43 12.57 4.07
N GLU C 59 19.29 11.78 4.70
CA GLU C 59 20.44 12.33 5.45
C GLU C 59 21.21 13.34 4.60
N GLU C 60 21.51 12.98 3.36
CA GLU C 60 22.34 13.82 2.50
C GLU C 60 21.63 15.12 2.09
N GLN C 61 20.34 15.06 1.81
CA GLN C 61 19.59 16.28 1.52
C GLN C 61 19.50 17.20 2.74
N ARG C 62 19.27 16.60 3.91
N ARG C 62 19.26 16.62 3.92
CA ARG C 62 19.23 17.34 5.18
CA ARG C 62 19.22 17.44 5.13
C ARG C 62 20.55 18.07 5.38
C ARG C 62 20.56 18.09 5.39
N GLN C 63 21.64 17.34 5.17
CA GLN C 63 22.99 17.88 5.34
C GLN C 63 23.26 19.03 4.38
N THR C 64 22.87 18.83 3.11
CA THR C 64 22.99 19.89 2.11
C THR C 64 22.15 21.15 2.44
N VAL C 65 20.86 20.96 2.69
CA VAL C 65 19.97 22.09 2.97
C VAL C 65 20.39 22.80 4.25
N SER C 66 20.65 22.04 5.32
CA SER C 66 21.15 22.63 6.58
C SER C 66 22.39 23.45 6.32
N ASN C 67 23.31 22.92 5.54
CA ASN C 67 24.53 23.65 5.33
C ASN C 67 24.29 24.96 4.52
N ASN C 68 23.29 24.95 3.64
CA ASN C 68 22.91 26.12 2.84
C ASN C 68 22.24 27.25 3.58
N ILE C 69 21.59 26.95 4.71
CA ILE C 69 21.00 27.98 5.53
C ILE C 69 22.04 28.53 6.49
N THR C 70 22.52 29.74 6.19
CA THR C 70 23.46 30.46 7.04
C THR C 70 22.88 31.81 7.40
N LEU C 71 23.61 32.57 8.22
CA LEU C 71 23.20 33.94 8.53
C LEU C 71 23.64 34.97 7.50
N LYS C 72 23.96 34.48 6.30
CA LYS C 72 24.17 35.35 5.14
C LYS C 72 23.24 34.96 4.00
N THR C 73 22.32 34.04 4.28
CA THR C 73 21.39 33.49 3.29
C THR C 73 20.19 34.41 3.12
N ASP C 74 19.66 34.48 1.91
CA ASP C 74 18.51 35.33 1.64
C ASP C 74 17.28 34.91 2.44
N GLU C 75 16.59 35.90 2.99
CA GLU C 75 15.33 35.68 3.68
C GLU C 75 14.41 34.71 2.94
N GLN C 76 14.26 34.90 1.63
CA GLN C 76 13.35 34.07 0.83
C GLN C 76 13.56 32.57 1.00
N TYR C 77 14.82 32.14 1.03
N TYR C 77 14.84 32.15 1.03
CA TYR C 77 15.16 30.73 1.19
CA TYR C 77 15.22 30.75 1.19
C TYR C 77 14.69 30.18 2.54
C TYR C 77 14.81 30.15 2.54
N MET C 78 14.88 30.97 3.60
CA MET C 78 14.41 30.58 4.93
C MET C 78 12.88 30.49 4.97
N LEU C 79 12.23 31.47 4.34
CA LEU C 79 10.77 31.47 4.27
C LEU C 79 10.22 30.25 3.52
N TYR C 80 10.91 29.84 2.46
CA TYR C 80 10.53 28.65 1.72
C TYR C 80 10.44 27.47 2.69
N TRP C 81 11.52 27.20 3.42
CA TRP C 81 11.58 26.04 4.32
C TRP C 81 10.60 26.10 5.47
N ILE C 82 10.34 27.30 5.96
CA ILE C 82 9.31 27.50 6.96
C ILE C 82 7.92 27.14 6.39
N TYR C 83 7.64 27.61 5.17
CA TYR C 83 6.37 27.29 4.50
C TYR C 83 6.25 25.79 4.23
N ILE C 84 7.33 25.20 3.74
CA ILE C 84 7.36 23.76 3.56
C ILE C 84 7.06 23.10 4.88
N GLY C 85 7.76 23.51 5.94
CA GLY C 85 7.62 22.88 7.23
C GLY C 85 6.21 23.01 7.80
N ARG C 86 5.52 24.06 7.40
CA ARG C 86 4.21 24.37 7.97
C ARG C 86 3.07 23.85 7.09
N SER C 87 3.43 23.10 6.03
CA SER C 87 2.47 22.57 5.05
C SER C 87 1.71 23.70 4.36
N GLN C 88 2.44 24.74 4.01
CA GLN C 88 1.92 25.83 3.21
C GLN C 88 2.65 25.71 1.90
N SER C 89 2.42 24.56 1.26
CA SER C 89 3.14 24.16 0.05
C SER C 89 2.79 25.07 -1.12
N GLU C 90 1.54 25.49 -1.18
CA GLU C 90 1.13 26.45 -2.19
C GLU C 90 1.99 27.71 -2.06
N GLU C 91 2.10 28.24 -0.84
CA GLU C 91 2.92 29.43 -0.56
C GLU C 91 4.39 29.17 -0.85
N ALA C 92 4.88 27.98 -0.53
CA ALA C 92 6.29 27.65 -0.81
C ALA C 92 6.55 27.52 -2.30
N LEU C 93 5.62 26.90 -3.01
CA LEU C 93 5.73 26.72 -4.45
C LEU C 93 5.83 28.08 -5.12
N GLU C 94 4.90 28.97 -4.74
CA GLU C 94 4.85 30.34 -5.25
C GLU C 94 6.20 31.03 -5.05
N LEU C 95 6.76 30.89 -3.85
CA LEU C 95 8.02 31.49 -3.50
C LEU C 95 9.17 30.86 -4.29
N ALA C 96 9.12 29.54 -4.44
CA ALA C 96 10.12 28.81 -5.22
C ALA C 96 10.15 29.27 -6.68
N ARG C 97 9.00 29.68 -7.21
CA ARG C 97 8.92 30.21 -8.59
C ARG C 97 9.61 31.59 -8.70
N THR C 98 9.37 32.46 -7.71
CA THR C 98 10.09 33.74 -7.58
C THR C 98 11.62 33.53 -7.46
N ILE C 99 12.04 32.58 -6.64
CA ILE C 99 13.45 32.29 -6.46
C ILE C 99 14.06 31.70 -7.74
N GLU C 100 13.23 31.03 -8.54
CA GLU C 100 13.65 30.37 -9.80
C GLU C 100 14.66 29.21 -9.61
N ASP C 101 14.41 28.40 -8.59
CA ASP C 101 15.26 27.23 -8.31
C ASP C 101 14.48 25.97 -8.62
N ARG C 102 14.96 25.23 -9.62
CA ARG C 102 14.32 24.02 -10.11
C ARG C 102 13.97 23.07 -8.96
N ASP C 103 15.00 22.68 -8.22
CA ASP C 103 14.86 21.74 -7.11
C ASP C 103 13.83 22.18 -6.08
N LEU C 104 13.78 23.48 -5.79
CA LEU C 104 12.85 23.96 -4.78
C LEU C 104 11.42 23.89 -5.31
N ILE C 105 11.27 24.09 -6.62
CA ILE C 105 9.96 24.01 -7.29
C ILE C 105 9.47 22.57 -7.27
N VAL C 106 10.35 21.66 -7.68
CA VAL C 106 10.04 20.25 -7.70
C VAL C 106 9.66 19.74 -6.32
N TYR C 107 10.46 20.09 -5.30
CA TYR C 107 10.20 19.67 -3.92
C TYR C 107 8.84 20.18 -3.46
N ALA C 108 8.57 21.45 -3.73
CA ALA C 108 7.32 22.04 -3.36
C ALA C 108 6.12 21.36 -4.06
N LEU C 109 6.26 21.06 -5.36
CA LEU C 109 5.18 20.40 -6.11
C LEU C 109 4.83 19.05 -5.54
N LEU C 110 5.86 18.31 -5.12
CA LEU C 110 5.64 17.03 -4.46
C LEU C 110 4.87 17.20 -3.15
N LYS C 111 5.22 18.21 -2.37
CA LYS C 111 4.55 18.47 -1.10
C LYS C 111 3.13 18.96 -1.36
N TYR C 112 3.01 19.83 -2.35
CA TYR C 112 1.72 20.33 -2.80
C TYR C 112 0.81 19.20 -3.25
N ARG C 113 1.37 18.23 -3.96
CA ARG C 113 0.59 17.07 -4.34
C ARG C 113 -0.11 16.41 -3.15
N GLU C 114 0.66 16.06 -2.12
CA GLU C 114 0.08 15.43 -0.92
C GLU C 114 -1.01 16.28 -0.29
N GLN C 115 -0.80 17.60 -0.28
CA GLN C 115 -1.73 18.53 0.33
C GLN C 115 -3.07 18.52 -0.41
N ILE C 116 -3.00 18.51 -1.74
CA ILE C 116 -4.20 18.45 -2.59
C ILE C 116 -4.98 17.16 -2.34
N LYS C 117 -4.28 16.03 -2.24
CA LYS C 117 -4.92 14.76 -1.89
C LYS C 117 -5.69 14.85 -0.58
N GLY C 118 -5.15 15.61 0.37
CA GLY C 118 -5.76 15.72 1.71
C GLY C 118 -6.94 16.68 1.79
N ASP C 119 -7.14 17.47 0.74
CA ASP C 119 -8.12 18.56 0.75
C ASP C 119 -9.58 18.09 0.71
N THR C 120 -10.30 18.36 1.79
CA THR C 120 -11.69 17.94 1.90
C THR C 120 -12.63 19.02 1.37
N ASP C 121 -12.07 20.20 1.09
CA ASP C 121 -12.82 21.31 0.51
C ASP C 121 -13.10 21.15 -0.99
N LEU C 122 -12.09 20.68 -1.73
CA LEU C 122 -12.21 20.55 -3.19
C LEU C 122 -13.05 19.36 -3.62
N SER C 123 -13.95 19.59 -4.57
CA SER C 123 -14.73 18.51 -5.19
C SER C 123 -13.83 17.51 -5.92
N GLY C 124 -14.36 16.33 -6.18
CA GLY C 124 -13.64 15.24 -6.84
C GLY C 124 -13.00 15.64 -8.16
N ASP C 125 -13.77 16.34 -9.00
CA ASP C 125 -13.27 16.80 -10.30
C ASP C 125 -12.20 17.88 -10.18
N GLU C 126 -12.39 18.80 -9.23
CA GLU C 126 -11.42 19.87 -8.97
C GLU C 126 -10.11 19.28 -8.49
N LYS C 127 -10.22 18.39 -7.51
CA LYS C 127 -9.05 17.71 -6.97
C LYS C 127 -8.33 16.97 -8.09
N GLN C 128 -9.08 16.21 -8.88
CA GLN C 128 -8.49 15.45 -9.99
C GLN C 128 -7.75 16.35 -10.97
N LYS C 129 -8.37 17.45 -11.38
CA LYS C 129 -7.73 18.38 -12.31
C LYS C 129 -6.42 18.92 -11.74
N LYS C 130 -6.44 19.33 -10.47
CA LYS C 130 -5.25 19.91 -9.85
C LYS C 130 -4.13 18.87 -9.73
N LEU C 131 -4.50 17.63 -9.37
CA LEU C 131 -3.53 16.53 -9.33
C LEU C 131 -2.92 16.32 -10.71
N ASP C 132 -3.76 16.28 -11.74
CA ASP C 132 -3.29 16.16 -13.11
C ASP C 132 -2.33 17.28 -13.51
N GLU C 133 -2.66 18.52 -13.12
CA GLU C 133 -1.79 19.68 -13.36
C GLU C 133 -0.43 19.47 -12.69
N ILE C 134 -0.45 19.24 -11.38
CA ILE C 134 0.77 18.98 -10.62
C ILE C 134 1.56 17.84 -11.25
N ASP C 135 0.86 16.74 -11.54
CA ASP C 135 1.51 15.56 -12.08
C ASP C 135 2.25 15.82 -13.40
N GLN C 136 1.60 16.51 -14.34
CA GLN C 136 2.25 16.75 -15.62
C GLN C 136 3.45 17.70 -15.51
N GLU C 137 3.36 18.68 -14.62
CA GLU C 137 4.50 19.58 -14.40
C GLU C 137 5.68 18.84 -13.76
N ILE C 138 5.39 17.95 -12.81
CA ILE C 138 6.42 17.08 -12.22
C ILE C 138 7.01 16.19 -13.31
N LYS C 139 6.15 15.58 -14.11
CA LYS C 139 6.56 14.67 -15.18
C LYS C 139 7.43 15.38 -16.22
N GLU C 140 7.09 16.64 -16.52
CA GLU C 140 7.88 17.45 -17.44
C GLU C 140 9.26 17.75 -16.87
N TYR C 141 9.30 18.29 -15.66
CA TYR C 141 10.56 18.59 -14.99
C TYR C 141 11.49 17.38 -14.89
N GLU C 142 10.91 16.20 -14.68
CA GLU C 142 11.69 14.96 -14.55
C GLU C 142 12.21 14.40 -15.89
N ARG C 143 11.34 14.40 -16.91
CA ARG C 143 11.75 14.00 -18.27
C ARG C 143 12.76 15.00 -18.87
N GLU C 144 12.76 16.22 -18.33
CA GLU C 144 13.72 17.25 -18.71
C GLU C 144 15.05 17.08 -17.96
N ARG C 145 14.99 16.51 -16.76
CA ARG C 145 16.19 16.25 -15.95
C ARG C 145 17.07 15.15 -16.55
N LYS C 146 16.43 14.11 -17.07
CA LYS C 146 17.12 13.02 -17.75
C LYS C 146 17.78 13.44 -19.08
N GLU C 147 17.38 14.61 -19.61
CA GLU C 147 18.03 15.24 -20.77
C GLU C 147 19.43 15.69 -20.39
N SER C 148 19.55 16.32 -19.22
CA SER C 148 20.83 16.75 -18.68
C SER C 148 21.72 15.54 -18.38
N GLU C 149 21.09 14.46 -17.93
CA GLU C 149 21.80 13.24 -17.54
C GLU C 149 22.35 12.47 -18.74
N ALA C 150 21.56 12.41 -19.82
CA ALA C 150 21.99 11.74 -21.05
C ALA C 150 23.02 12.53 -21.86
N GLN C 151 23.01 13.85 -21.75
CA GLN C 151 23.90 14.72 -22.55
C GLN C 151 25.33 14.92 -22.01
N LEU C 152 25.53 14.66 -20.71
CA LEU C 152 26.88 14.55 -20.14
C LEU C 152 27.38 13.12 -20.41
N GLU C 153 26.43 12.19 -20.44
CA GLU C 153 26.68 10.79 -20.79
C GLU C 153 26.94 10.63 -22.29
N THR D 4 -0.08 -9.95 31.97
CA THR D 4 -0.94 -10.26 30.79
C THR D 4 -0.52 -9.48 29.56
N ALA D 5 -2.28 -11.02 28.38
CA ALA D 5 -2.05 -11.28 26.96
C ALA D 5 -2.35 -10.02 26.18
N GLN D 6 -1.31 -9.46 25.57
CA GLN D 6 -1.50 -8.31 24.70
C GLN D 6 -0.78 -8.56 23.36
N PRO D 7 -1.22 -9.58 22.59
CA PRO D 7 -0.51 -9.93 21.34
C PRO D 7 -0.48 -8.80 20.30
N LYS D 8 -1.54 -8.01 20.25
N LYS D 8 -1.56 -8.03 20.23
CA LYS D 8 -1.62 -6.87 19.34
CA LYS D 8 -1.70 -6.99 19.22
C LYS D 8 -0.55 -5.83 19.69
C LYS D 8 -0.68 -5.87 19.45
N GLN D 9 -0.59 -5.36 20.93
N GLN D 9 -0.58 -5.43 20.70
CA GLN D 9 0.39 -4.45 21.51
CA GLN D 9 0.38 -4.40 21.09
C GLN D 9 1.81 -4.83 21.10
C GLN D 9 1.82 -4.87 20.87
N GLU D 10 2.13 -6.11 21.23
CA GLU D 10 3.45 -6.67 20.91
C GLU D 10 3.79 -6.67 19.41
N ALA D 11 2.83 -7.00 18.56
CA ALA D 11 3.02 -7.03 17.11
C ALA D 11 3.32 -5.64 16.55
N TYR D 12 2.67 -4.62 17.10
CA TYR D 12 2.94 -3.21 16.80
C TYR D 12 4.37 -2.80 17.11
N ILE D 13 4.90 -3.26 18.25
CA ILE D 13 6.27 -2.96 18.63
C ILE D 13 7.17 -3.71 17.67
N GLN D 14 6.84 -4.97 17.44
CA GLN D 14 7.62 -5.80 16.53
C GLN D 14 7.66 -5.27 15.09
N SER D 15 6.52 -4.79 14.57
CA SER D 15 6.51 -4.25 13.22
C SER D 15 7.26 -2.93 13.12
N THR D 16 7.27 -2.17 14.22
CA THR D 16 8.00 -0.94 14.28
C THR D 16 9.48 -1.26 14.19
N GLU D 17 9.93 -2.24 14.97
CA GLU D 17 11.32 -2.64 14.94
C GLU D 17 11.78 -3.09 13.54
N LEU D 18 10.90 -3.78 12.83
CA LEU D 18 11.24 -4.29 11.49
C LEU D 18 11.18 -3.17 10.46
N PHE D 19 10.17 -2.32 10.59
CA PHE D 19 10.01 -1.21 9.66
C PHE D 19 11.16 -0.22 9.69
N LEU D 20 11.60 0.13 10.90
CA LEU D 20 12.71 1.06 11.09
C LEU D 20 14.02 0.55 10.47
N GLN D 21 14.01 -0.74 10.11
CA GLN D 21 15.11 -1.45 9.45
C GLN D 21 14.81 -1.76 8.00
N ASN D 22 13.66 -1.29 7.48
CA ASN D 22 13.23 -1.55 6.11
C ASN D 22 12.91 -3.00 5.82
N LYS D 23 12.49 -3.73 6.83
CA LYS D 23 12.17 -5.14 6.63
C LYS D 23 10.71 -5.29 6.26
N TYR D 24 10.38 -4.81 5.07
CA TYR D 24 9.01 -4.72 4.60
C TYR D 24 8.25 -6.05 4.66
N SER D 25 8.84 -7.11 4.10
CA SER D 25 8.20 -8.42 4.05
C SER D 25 7.82 -8.86 5.46
N ASP D 26 8.74 -8.65 6.38
CA ASP D 26 8.57 -9.12 7.75
C ASP D 26 7.53 -8.30 8.50
N VAL D 27 7.43 -7.01 8.17
CA VAL D 27 6.37 -6.16 8.70
C VAL D 27 5.02 -6.71 8.29
N ILE D 28 4.92 -7.08 7.01
CA ILE D 28 3.70 -7.61 6.41
C ILE D 28 3.25 -8.89 7.08
N THR D 29 4.14 -9.88 7.24
CA THR D 29 3.73 -11.11 7.92
C THR D 29 3.46 -10.94 9.41
N THR D 30 4.13 -9.98 10.04
CA THR D 30 3.84 -9.68 11.44
C THR D 30 2.39 -9.22 11.63
N LEU D 31 1.88 -8.50 10.64
CA LEU D 31 0.62 -7.82 10.80
C LEU D 31 -0.51 -8.48 10.05
N GLU D 32 -0.24 -9.61 9.39
CA GLU D 32 -1.20 -10.19 8.46
C GLU D 32 -2.54 -10.61 9.08
N ASP D 33 -2.54 -11.05 10.34
CA ASP D 33 -3.79 -11.47 10.97
C ASP D 33 -4.61 -10.32 11.56
N TYR D 34 -4.17 -9.10 11.30
CA TYR D 34 -4.75 -7.93 11.95
C TYR D 34 -5.52 -7.04 10.96
N ALA D 35 -6.64 -6.49 11.43
CA ALA D 35 -7.49 -5.62 10.64
C ALA D 35 -6.88 -4.25 10.55
N PRO D 36 -6.66 -3.75 9.33
CA PRO D 36 -5.98 -2.46 9.14
C PRO D 36 -6.79 -1.27 9.64
N GLU D 37 -8.12 -1.37 9.62
CA GLU D 37 -8.99 -0.26 9.98
C GLU D 37 -8.85 0.09 11.46
N ASP D 38 -8.46 -0.86 12.30
CA ASP D 38 -8.32 -0.57 13.72
C ASP D 38 -6.89 -0.24 14.16
N MET D 39 -5.94 -0.25 13.24
CA MET D 39 -4.57 0.04 13.56
C MET D 39 -4.36 1.51 13.90
N PRO D 40 -3.45 1.80 14.84
CA PRO D 40 -3.05 3.20 14.99
C PRO D 40 -2.45 3.71 13.68
N TYR D 41 -2.61 5.00 13.45
CA TYR D 41 -2.21 5.66 12.22
C TYR D 41 -0.73 5.41 11.86
N VAL D 42 0.17 5.45 12.84
CA VAL D 42 1.57 5.15 12.56
C VAL D 42 1.74 3.70 12.08
N ILE D 43 0.91 2.78 12.57
CA ILE D 43 1.03 1.37 12.18
C ILE D 43 0.43 1.18 10.78
N GLN D 44 -0.71 1.80 10.51
CA GLN D 44 -1.21 1.87 9.15
C GLN D 44 -0.12 2.38 8.20
N TYR D 45 0.64 3.38 8.64
CA TYR D 45 1.73 3.97 7.85
C TYR D 45 2.80 2.95 7.53
N GLU D 46 3.22 2.21 8.56
CA GLU D 46 4.24 1.18 8.43
C GLU D 46 3.82 0.10 7.43
N LEU D 47 2.59 -0.40 7.60
CA LEU D 47 2.06 -1.48 6.77
C LEU D 47 1.88 -1.02 5.31
N ALA D 48 1.25 0.13 5.16
CA ALA D 48 0.96 0.66 3.85
C ALA D 48 2.24 0.97 3.13
N SER D 49 3.21 1.54 3.84
CA SER D 49 4.50 1.81 3.20
C SER D 49 5.09 0.51 2.79
N SER D 50 4.98 -0.50 3.64
CA SER D 50 5.61 -1.78 3.35
C SER D 50 4.98 -2.41 2.12
N TYR D 51 3.64 -2.36 2.01
CA TYR D 51 3.00 -2.87 0.81
C TYR D 51 3.37 -2.08 -0.42
N VAL D 52 3.30 -0.75 -0.30
CA VAL D 52 3.53 0.06 -1.47
C VAL D 52 4.98 -0.08 -1.96
N MET D 53 5.91 -0.29 -1.04
CA MET D 53 7.32 -0.39 -1.42
C MET D 53 7.60 -1.69 -2.16
N THR D 54 6.73 -2.68 -1.92
CA THR D 54 6.95 -4.01 -2.48
C THR D 54 5.91 -4.35 -3.56
N GLU D 55 5.12 -3.38 -3.98
CA GLU D 55 4.17 -3.58 -5.08
C GLU D 55 4.94 -3.61 -6.41
N SER D 56 4.75 -4.65 -7.21
CA SER D 56 5.39 -4.75 -8.53
C SER D 56 4.81 -3.77 -9.52
N LEU D 57 5.28 -2.55 -9.49
CA LEU D 57 4.86 -1.52 -10.44
C LEU D 57 5.98 -1.30 -11.42
N THR D 58 5.65 -1.17 -12.70
CA THR D 58 6.63 -0.68 -13.67
C THR D 58 6.80 0.80 -13.41
N GLU D 59 7.85 1.37 -13.97
CA GLU D 59 8.10 2.79 -13.90
C GLU D 59 6.88 3.61 -14.38
N GLU D 60 6.24 3.17 -15.47
CA GLU D 60 5.05 3.83 -15.98
C GLU D 60 3.90 3.82 -14.95
N GLN D 61 3.62 2.64 -14.39
CA GLN D 61 2.58 2.50 -13.37
C GLN D 61 2.86 3.44 -12.22
N ARG D 62 4.11 3.39 -11.77
CA ARG D 62 4.63 4.23 -10.70
C ARG D 62 4.37 5.71 -10.93
N GLN D 63 4.64 6.20 -12.12
CA GLN D 63 4.37 7.58 -12.49
C GLN D 63 2.87 7.90 -12.45
N THR D 64 2.08 6.89 -12.74
CA THR D 64 0.65 7.02 -12.93
C THR D 64 -0.11 7.07 -11.61
N VAL D 65 0.23 6.20 -10.66
CA VAL D 65 -0.59 6.03 -9.45
C VAL D 65 -0.13 6.86 -8.26
N SER D 66 -1.05 7.11 -7.34
CA SER D 66 -0.75 7.86 -6.10
C SER D 66 -0.18 6.89 -5.07
N ASN D 67 1.10 6.55 -5.21
CA ASN D 67 1.72 5.57 -4.34
C ASN D 67 2.66 6.21 -3.31
N ASN D 68 2.62 7.53 -3.16
CA ASN D 68 3.41 8.13 -2.11
C ASN D 68 2.69 8.05 -0.77
N ILE D 69 3.40 7.61 0.27
CA ILE D 69 2.83 7.46 1.62
C ILE D 69 3.69 8.19 2.65
N THR D 70 3.07 9.10 3.40
CA THR D 70 3.76 9.88 4.43
C THR D 70 2.90 9.95 5.68
N LEU D 71 3.44 10.52 6.74
CA LEU D 71 2.64 10.69 7.96
C LEU D 71 1.71 11.89 7.87
N LYS D 72 1.58 12.44 6.66
CA LYS D 72 0.51 13.38 6.34
C LYS D 72 -0.57 12.80 5.42
N THR D 73 -0.30 11.63 4.83
CA THR D 73 -1.23 10.95 3.91
C THR D 73 -2.53 10.51 4.64
N ASP D 74 -3.66 10.74 3.99
CA ASP D 74 -4.96 10.36 4.54
C ASP D 74 -5.11 8.84 4.72
N GLU D 75 -5.75 8.46 5.81
CA GLU D 75 -6.03 7.07 6.14
C GLU D 75 -6.50 6.23 4.93
N GLN D 76 -7.38 6.81 4.10
CA GLN D 76 -7.96 6.09 2.97
C GLN D 76 -6.95 5.58 1.96
N TYR D 77 -5.95 6.40 1.67
CA TYR D 77 -4.85 6.01 0.80
C TYR D 77 -4.03 4.87 1.37
N MET D 78 -3.83 4.88 2.68
CA MET D 78 -3.14 3.81 3.35
C MET D 78 -3.95 2.52 3.26
N LEU D 79 -5.25 2.63 3.50
CA LEU D 79 -6.13 1.47 3.43
C LEU D 79 -6.18 0.91 2.02
N TYR D 80 -6.26 1.80 1.02
CA TYR D 80 -6.22 1.39 -0.38
C TYR D 80 -5.02 0.48 -0.63
N TRP D 81 -3.82 0.95 -0.28
CA TRP D 81 -2.61 0.19 -0.60
C TRP D 81 -2.49 -1.10 0.21
N ILE D 82 -3.00 -1.08 1.44
CA ILE D 82 -2.99 -2.26 2.25
C ILE D 82 -3.90 -3.33 1.62
N TYR D 83 -5.07 -2.92 1.17
CA TYR D 83 -5.96 -3.90 0.51
C TYR D 83 -5.43 -4.38 -0.83
N ILE D 84 -4.84 -3.46 -1.59
CA ILE D 84 -4.15 -3.89 -2.81
C ILE D 84 -3.13 -4.92 -2.41
N GLY D 85 -2.32 -4.63 -1.37
CA GLY D 85 -1.27 -5.56 -0.94
C GLY D 85 -1.82 -6.93 -0.50
N ARG D 86 -3.01 -6.94 0.09
CA ARG D 86 -3.59 -8.19 0.60
C ARG D 86 -4.44 -8.87 -0.47
N SER D 87 -4.42 -8.34 -1.68
CA SER D 87 -5.19 -8.91 -2.78
C SER D 87 -6.70 -8.85 -2.49
N GLN D 88 -7.13 -7.75 -1.89
CA GLN D 88 -8.54 -7.52 -1.65
C GLN D 88 -8.93 -6.40 -2.60
N SER D 89 -8.86 -6.70 -3.89
CA SER D 89 -9.04 -5.65 -4.94
C SER D 89 -10.43 -5.06 -4.90
N GLU D 90 -11.42 -5.88 -4.57
CA GLU D 90 -12.81 -5.40 -4.41
C GLU D 90 -12.91 -4.28 -3.37
N GLU D 91 -12.23 -4.50 -2.25
CA GLU D 91 -12.16 -3.53 -1.17
C GLU D 91 -11.38 -2.29 -1.61
N ALA D 92 -10.26 -2.50 -2.30
CA ALA D 92 -9.45 -1.38 -2.81
C ALA D 92 -10.21 -0.59 -3.88
N LEU D 93 -10.94 -1.31 -4.74
CA LEU D 93 -11.76 -0.67 -5.76
C LEU D 93 -12.80 0.26 -5.16
N GLU D 94 -13.52 -0.17 -4.13
N GLU D 94 -13.51 -0.22 -4.14
CA GLU D 94 -14.58 0.68 -3.63
CA GLU D 94 -14.56 0.57 -3.49
C GLU D 94 -14.03 1.84 -2.79
C GLU D 94 -13.95 1.84 -2.91
N LEU D 95 -12.85 1.66 -2.18
CA LEU D 95 -12.14 2.77 -1.54
C LEU D 95 -11.68 3.80 -2.57
N ALA D 96 -11.11 3.32 -3.67
CA ALA D 96 -10.63 4.20 -4.74
C ALA D 96 -11.78 5.06 -5.25
N ARG D 97 -12.95 4.45 -5.39
CA ARG D 97 -14.09 5.20 -5.87
C ARG D 97 -14.56 6.26 -4.87
N THR D 98 -14.50 5.92 -3.59
CA THR D 98 -14.88 6.86 -2.53
C THR D 98 -13.92 8.05 -2.57
N ILE D 99 -12.63 7.75 -2.74
CA ILE D 99 -11.57 8.75 -2.81
C ILE D 99 -11.70 9.59 -4.08
N GLU D 100 -12.31 9.00 -5.10
CA GLU D 100 -12.43 9.61 -6.41
C GLU D 100 -11.05 9.88 -7.04
N ASP D 101 -10.15 8.91 -6.91
CA ASP D 101 -8.83 9.01 -7.51
C ASP D 101 -8.85 8.12 -8.75
N ARG D 102 -8.84 8.74 -9.93
CA ARG D 102 -9.06 8.02 -11.21
C ARG D 102 -8.08 6.87 -11.42
N ASP D 103 -6.79 7.16 -11.33
CA ASP D 103 -5.77 6.15 -11.61
C ASP D 103 -5.72 5.05 -10.59
N LEU D 104 -6.23 5.32 -9.38
CA LEU D 104 -6.31 4.29 -8.37
C LEU D 104 -7.49 3.37 -8.68
N ILE D 105 -8.58 3.91 -9.19
CA ILE D 105 -9.71 3.09 -9.62
C ILE D 105 -9.23 2.20 -10.76
N VAL D 106 -8.54 2.78 -11.72
CA VAL D 106 -8.04 1.97 -12.83
C VAL D 106 -7.12 0.87 -12.32
N TYR D 107 -6.20 1.21 -11.42
CA TYR D 107 -5.26 0.21 -10.93
C TYR D 107 -5.97 -0.94 -10.21
N ALA D 108 -6.98 -0.60 -9.41
CA ALA D 108 -7.75 -1.59 -8.70
C ALA D 108 -8.58 -2.45 -9.67
N LEU D 109 -9.10 -1.82 -10.72
CA LEU D 109 -9.83 -2.54 -11.78
C LEU D 109 -8.93 -3.58 -12.43
N LEU D 110 -7.67 -3.19 -12.70
CA LEU D 110 -6.67 -4.14 -13.22
C LEU D 110 -6.43 -5.33 -12.30
N LYS D 111 -6.26 -5.09 -10.99
CA LYS D 111 -6.08 -6.21 -10.05
C LYS D 111 -7.34 -7.06 -9.99
N TYR D 112 -8.50 -6.42 -10.07
CA TYR D 112 -9.75 -7.15 -10.04
C TYR D 112 -9.91 -8.01 -11.29
N ARG D 113 -9.42 -7.50 -12.43
CA ARG D 113 -9.44 -8.26 -13.66
C ARG D 113 -8.73 -9.60 -13.46
N GLU D 114 -7.54 -9.55 -12.87
CA GLU D 114 -6.75 -10.77 -12.62
C GLU D 114 -7.53 -11.78 -11.81
N GLN D 115 -8.24 -11.28 -10.79
CA GLN D 115 -8.96 -12.15 -9.88
C GLN D 115 -10.13 -12.83 -10.59
N ILE D 116 -10.74 -12.12 -11.54
CA ILE D 116 -11.79 -12.70 -12.35
C ILE D 116 -11.18 -13.78 -13.25
N LYS D 117 -10.11 -13.43 -13.93
CA LYS D 117 -9.37 -14.35 -14.80
C LYS D 117 -9.07 -15.68 -14.06
N GLY D 118 -8.64 -15.58 -12.81
CA GLY D 118 -8.30 -16.76 -12.01
C GLY D 118 -9.44 -17.45 -11.29
N ASP D 119 -10.57 -16.75 -11.13
CA ASP D 119 -11.72 -17.30 -10.41
C ASP D 119 -12.21 -18.61 -11.02
N THR D 120 -12.45 -19.59 -10.16
CA THR D 120 -12.79 -20.95 -10.62
C THR D 120 -14.28 -21.25 -10.50
N ASP D 121 -14.99 -20.43 -9.71
CA ASP D 121 -16.43 -20.58 -9.52
C ASP D 121 -17.24 -20.05 -10.71
N LEU D 122 -16.60 -19.20 -11.52
CA LEU D 122 -17.25 -18.58 -12.66
C LEU D 122 -17.15 -19.40 -13.93
N SER D 123 -18.28 -19.54 -14.61
CA SER D 123 -18.35 -20.13 -15.95
C SER D 123 -17.64 -19.23 -16.97
N GLY D 124 -17.29 -19.79 -18.12
CA GLY D 124 -16.59 -19.06 -19.17
C GLY D 124 -17.34 -17.86 -19.72
N ASP D 125 -18.67 -17.97 -19.80
CA ASP D 125 -19.53 -16.90 -20.32
C ASP D 125 -19.72 -15.74 -19.36
N GLU D 126 -20.01 -16.04 -18.09
CA GLU D 126 -20.06 -15.03 -17.03
C GLU D 126 -18.68 -14.40 -16.83
N LYS D 127 -17.65 -15.23 -16.94
CA LYS D 127 -16.27 -14.78 -16.88
C LYS D 127 -16.05 -13.70 -17.93
N GLN D 128 -16.25 -14.07 -19.21
CA GLN D 128 -15.94 -13.21 -20.35
C GLN D 128 -16.72 -11.90 -20.32
N LYS D 129 -18.00 -12.00 -19.94
CA LYS D 129 -18.86 -10.84 -19.80
C LYS D 129 -18.25 -9.84 -18.82
N LYS D 130 -17.82 -10.34 -17.65
CA LYS D 130 -17.26 -9.47 -16.60
C LYS D 130 -15.93 -8.84 -16.98
N LEU D 131 -15.02 -9.61 -17.56
CA LEU D 131 -13.78 -9.04 -18.09
C LEU D 131 -14.10 -7.87 -19.02
N ASP D 132 -15.11 -8.07 -19.87
CA ASP D 132 -15.51 -7.09 -20.87
C ASP D 132 -16.08 -5.83 -20.23
N GLU D 133 -16.97 -6.02 -19.24
CA GLU D 133 -17.43 -4.89 -18.43
C GLU D 133 -16.25 -4.10 -17.84
N ILE D 134 -15.22 -4.81 -17.38
CA ILE D 134 -14.10 -4.15 -16.68
C ILE D 134 -13.25 -3.36 -17.64
N ASP D 135 -12.92 -3.98 -18.77
CA ASP D 135 -12.11 -3.34 -19.78
C ASP D 135 -12.77 -2.10 -20.34
N GLN D 136 -14.09 -2.14 -20.44
CA GLN D 136 -14.88 -1.01 -20.90
C GLN D 136 -14.79 0.14 -19.90
N GLU D 137 -14.92 -0.17 -18.61
CA GLU D 137 -14.71 0.84 -17.56
C GLU D 137 -13.30 1.42 -17.53
N ILE D 138 -12.31 0.54 -17.68
CA ILE D 138 -10.92 0.99 -17.72
C ILE D 138 -10.73 1.94 -18.90
N LYS D 139 -11.19 1.52 -20.07
CA LYS D 139 -11.04 2.34 -21.27
C LYS D 139 -11.74 3.69 -21.14
N GLU D 140 -12.91 3.68 -20.51
CA GLU D 140 -13.62 4.91 -20.21
C GLU D 140 -12.76 5.89 -19.38
N TYR D 141 -12.15 5.40 -18.29
CA TYR D 141 -11.27 6.22 -17.43
C TYR D 141 -10.02 6.62 -18.17
N GLU D 142 -9.47 5.69 -18.93
CA GLU D 142 -8.33 5.99 -19.76
C GLU D 142 -8.64 7.11 -20.76
N ARG D 143 -9.85 7.09 -21.33
CA ARG D 143 -10.28 8.15 -22.22
C ARG D 143 -10.32 9.47 -21.46
N GLU D 144 -10.81 9.44 -20.23
CA GLU D 144 -10.90 10.63 -19.39
C GLU D 144 -9.54 11.23 -19.04
N ARG D 145 -8.57 10.36 -18.73
CA ARG D 145 -7.20 10.79 -18.45
C ARG D 145 -6.61 11.50 -19.66
N LYS D 146 -6.75 10.88 -20.84
CA LYS D 146 -6.21 11.43 -22.08
C LYS D 146 -6.77 12.83 -22.39
N GLU D 147 -8.07 13.01 -22.18
CA GLU D 147 -8.73 14.30 -22.41
C GLU D 147 -8.32 15.39 -21.40
N SER D 148 -8.10 14.98 -20.15
CA SER D 148 -7.54 15.85 -19.14
C SER D 148 -6.18 16.36 -19.60
N GLU D 149 -5.30 15.45 -19.99
CA GLU D 149 -3.95 15.78 -20.43
C GLU D 149 -3.94 16.64 -21.70
N ALA D 150 -4.92 16.41 -22.58
CA ALA D 150 -5.11 17.22 -23.78
C ALA D 150 -5.47 18.68 -23.46
N GLN D 151 -6.38 18.88 -22.51
CA GLN D 151 -6.80 20.22 -22.11
C GLN D 151 -5.66 21.00 -21.42
N LEU D 152 -4.83 20.27 -20.67
CA LEU D 152 -3.71 20.87 -19.94
C LEU D 152 -2.58 21.29 -20.88
N GLU D 153 -2.55 20.69 -22.08
CA GLU D 153 -1.60 21.08 -23.13
C GLU D 153 -2.22 22.13 -24.08
N GLU D 154 -3.20 22.87 -23.58
CA GLU D 154 -3.87 23.94 -24.33
C GLU D 154 -4.04 25.19 -23.46
#